data_9MUL
#
_entry.id   9MUL
#
_cell.length_a   54.928
_cell.length_b   90.013
_cell.length_c   124.006
_cell.angle_alpha   90.00
_cell.angle_beta   90.00
_cell.angle_gamma   90.00
#
_symmetry.space_group_name_H-M   'P 21 21 21'
#
loop_
_entity.id
_entity.type
_entity.pdbx_description
1 polymer 'Glutamate receptor ionotropic, NMDA 1'
2 polymer 'Glutamate receptor ionotropic, NMDA 2A'
3 non-polymer GLYCINE
4 non-polymer 'GLUTAMIC ACID'
5 non-polymer 5-[(3-chlorobenzene-1-sulfonyl)methoxy]-6-methyl-N-[(pyridin-3-yl)methyl]pyrazine-2-carboxamide
6 water water
#
loop_
_entity_poly.entity_id
_entity_poly.type
_entity_poly.pdbx_seq_one_letter_code
_entity_poly.pdbx_strand_id
1 'polypeptide(L)'
;MHHHHHHENLYFQGSMSTRLKIVTIHQEPFVYVKPTLSDGTCKEEFTVNGDPVKKVICTGPNDTSPGSPRHTVPQCCYGF
CIDLLIKLARTMNFTYEVHLVADGKFGTQERVNNSNKKEWNGMMGELLSGQADMIVAPLTINNERAQYIEFSKPFKYQGL
TILVKKGTRITGINDPRLRNPSDKFIYATVKQSSVDIYFRRQVELSTMYRHMEKHNYESAAEAIQAVRDNKLHAFIWDSA
VLEFEASQKCDLVTTGELFFRSGFGIGMRKDSPWKQNVSLSILKSHENGFMEDLDKTWVRYQECDS
;
A
2 'polypeptide(L)'
;MHHHHHHENLYFQGPDDNHLSIVTLEEAPFVIVEDIDPLTETCVRNTVPCRKFVKINNSTNEGMNVKKCCKGFCIDILKK
LSRTVKFTYDLYLVTNGKHGKKVNNVWNGMIGEVVYQRAVMAVGSLTINEERSEVVDFSVPFVETGISVMVSRGTQVTGL
SDKKFQRPHDYSPPFRFGTVPNGSTERNIRNNYPYMHQYMTKFNQKGVEDALVSLKTGKLDAFIYDAAVLNYKAGRDEGC
KLVTIGSGYIFATTGYGIALQKGSPWKRQIDLALLQFVGDGEMEELETLWLTGICHN
;
B
#
# COMPACT_ATOMS: atom_id res chain seq x y z
N ARG A 19 15.86 10.54 23.39
CA ARG A 19 15.09 9.29 23.45
C ARG A 19 13.65 9.53 23.01
N LEU A 20 13.21 8.78 22.00
CA LEU A 20 11.89 8.97 21.43
C LEU A 20 10.82 8.33 22.29
N LYS A 21 9.71 9.05 22.47
CA LYS A 21 8.56 8.53 23.19
C LYS A 21 7.60 7.91 22.18
N ILE A 22 7.47 6.59 22.24
CA ILE A 22 6.64 5.84 21.30
C ILE A 22 5.28 5.58 21.94
N VAL A 23 4.22 5.82 21.18
CA VAL A 23 2.85 5.48 21.58
C VAL A 23 2.37 4.36 20.69
N THR A 24 1.58 3.45 21.26
CA THR A 24 1.01 2.34 20.52
C THR A 24 -0.30 1.95 21.20
N ILE A 25 -0.92 0.87 20.72
CA ILE A 25 -2.25 0.47 21.17
C ILE A 25 -2.34 -1.05 21.08
N HIS A 26 -3.13 -1.63 21.98
CA HIS A 26 -3.35 -3.07 21.95
C HIS A 26 -4.13 -3.45 20.71
N GLN A 27 -3.53 -4.30 19.88
CA GLN A 27 -4.15 -4.69 18.60
C GLN A 27 -3.40 -5.91 18.08
N GLU A 28 -3.85 -7.09 18.50
CA GLU A 28 -3.28 -8.33 17.98
C GLU A 28 -3.69 -8.53 16.53
N PRO A 29 -2.80 -9.09 15.69
CA PRO A 29 -1.47 -9.62 16.00
C PRO A 29 -0.37 -8.57 15.89
N PHE A 30 -0.73 -7.29 15.75
CA PHE A 30 0.27 -6.27 15.54
C PHE A 30 0.93 -5.84 16.86
N VAL A 31 0.15 -5.72 17.92
CA VAL A 31 0.68 -5.33 19.23
C VAL A 31 0.00 -6.19 20.29
N TYR A 32 0.75 -7.11 20.88
CA TYR A 32 0.28 -7.89 22.02
C TYR A 32 0.59 -7.14 23.31
N VAL A 33 -0.24 -7.34 24.32
CA VAL A 33 -0.08 -6.70 25.62
C VAL A 33 -0.35 -7.74 26.70
N LYS A 34 0.69 -8.06 27.48
CA LYS A 34 0.60 -9.03 28.55
C LYS A 34 1.20 -8.45 29.82
N PRO A 35 0.72 -8.88 30.98
CA PRO A 35 1.31 -8.41 32.24
C PRO A 35 2.73 -8.93 32.40
N THR A 36 3.53 -8.18 33.17
CA THR A 36 4.89 -8.60 33.45
C THR A 36 4.89 -9.76 34.46
N LEU A 37 6.07 -10.35 34.64
CA LEU A 37 6.23 -11.35 35.68
C LEU A 37 6.38 -10.65 37.04
N SER A 38 6.48 -11.46 38.10
CA SER A 38 6.57 -10.89 39.45
C SER A 38 7.78 -9.99 39.59
N ASP A 39 8.88 -10.33 38.91
CA ASP A 39 10.11 -9.55 38.98
C ASP A 39 10.14 -8.41 37.97
N GLY A 40 8.99 -8.05 37.41
CA GLY A 40 8.93 -6.95 36.47
C GLY A 40 9.48 -7.23 35.09
N THR A 41 9.67 -8.49 34.73
CA THR A 41 10.17 -8.88 33.43
C THR A 41 9.09 -9.59 32.62
N CYS A 42 9.40 -9.85 31.36
CA CYS A 42 8.49 -10.51 30.44
C CYS A 42 8.93 -11.95 30.22
N LYS A 43 7.95 -12.85 30.09
CA LYS A 43 8.25 -14.26 29.96
C LYS A 43 8.96 -14.54 28.64
N GLU A 44 10.04 -15.33 28.73
CA GLU A 44 10.75 -15.78 27.54
C GLU A 44 9.85 -16.68 26.70
N GLU A 45 9.54 -16.24 25.48
CA GLU A 45 8.72 -17.00 24.56
C GLU A 45 9.40 -17.07 23.20
N PHE A 46 8.89 -17.94 22.33
CA PHE A 46 9.54 -18.23 21.06
C PHE A 46 8.52 -18.19 19.93
N THR A 47 8.97 -17.70 18.77
CA THR A 47 8.09 -17.51 17.61
C THR A 47 7.70 -18.86 17.01
N VAL A 48 6.96 -18.79 15.91
CA VAL A 48 6.55 -20.00 15.20
C VAL A 48 7.72 -20.71 14.55
N ASN A 49 8.83 -19.99 14.31
CA ASN A 49 10.01 -20.57 13.68
C ASN A 49 11.11 -20.88 14.69
N GLY A 50 10.80 -20.89 15.98
CA GLY A 50 11.76 -21.24 17.01
C GLY A 50 12.62 -20.11 17.51
N ASP A 51 12.50 -18.92 16.93
CA ASP A 51 13.31 -17.79 17.34
C ASP A 51 12.74 -17.13 18.59
N PRO A 52 13.56 -16.45 19.39
CA PRO A 52 13.04 -15.77 20.57
C PRO A 52 12.15 -14.59 20.18
N VAL A 53 11.06 -14.42 20.93
CA VAL A 53 10.15 -13.30 20.71
C VAL A 53 10.73 -12.07 21.38
N LYS A 54 11.06 -11.05 20.60
CA LYS A 54 11.56 -9.81 21.16
C LYS A 54 10.42 -9.05 21.85
N LYS A 55 10.62 -8.72 23.12
CA LYS A 55 9.64 -8.01 23.91
C LYS A 55 10.25 -6.75 24.50
N VAL A 56 9.41 -5.73 24.68
CA VAL A 56 9.83 -4.48 25.30
C VAL A 56 8.85 -4.16 26.43
N ILE A 57 9.35 -3.42 27.42
CA ILE A 57 8.51 -2.95 28.51
C ILE A 57 7.71 -1.74 28.03
N CYS A 58 6.39 -1.80 28.19
CA CYS A 58 5.52 -0.70 27.81
C CYS A 58 4.60 -0.37 28.97
N THR A 59 4.48 0.91 29.28
CA THR A 59 3.64 1.37 30.38
C THR A 59 2.26 1.75 29.86
N GLY A 60 1.26 1.66 30.73
CA GLY A 60 -0.09 1.99 30.37
C GLY A 60 -1.08 1.67 31.47
N PRO A 61 -2.30 2.15 31.33
CA PRO A 61 -3.33 1.88 32.34
C PRO A 61 -3.85 0.45 32.23
N ASN A 62 -4.49 0.01 33.31
CA ASN A 62 -5.10 -1.32 33.34
C ASN A 62 -6.55 -1.25 32.88
N SER A 68 -12.86 7.12 34.37
CA SER A 68 -12.04 6.26 35.22
C SER A 68 -10.61 6.76 35.30
N PRO A 69 -10.02 6.74 36.50
CA PRO A 69 -8.61 7.09 36.64
C PRO A 69 -7.73 6.10 35.91
N ARG A 70 -6.54 6.55 35.52
CA ARG A 70 -5.59 5.77 34.74
C ARG A 70 -4.30 5.62 35.52
N HIS A 71 -4.21 4.56 36.31
CA HIS A 71 -2.98 4.24 37.03
C HIS A 71 -2.04 3.48 36.10
N THR A 72 -0.90 4.09 35.78
CA THR A 72 0.03 3.50 34.81
C THR A 72 0.87 2.42 35.47
N VAL A 73 0.97 1.27 34.82
CA VAL A 73 1.73 0.12 35.32
C VAL A 73 2.58 -0.42 34.17
N PRO A 74 3.84 -0.78 34.42
CA PRO A 74 4.65 -1.39 33.35
C PRO A 74 4.07 -2.73 32.90
N GLN A 75 4.00 -2.90 31.57
CA GLN A 75 3.49 -4.13 30.99
C GLN A 75 4.44 -4.62 29.90
N CYS A 76 4.05 -5.67 29.18
CA CYS A 76 4.91 -6.31 28.19
C CYS A 76 4.28 -6.20 26.81
N CYS A 77 5.06 -5.69 25.85
CA CYS A 77 4.60 -5.45 24.49
C CYS A 77 5.44 -6.26 23.51
N TYR A 78 4.79 -6.82 22.50
CA TYR A 78 5.45 -7.52 21.42
C TYR A 78 4.47 -7.68 20.27
N GLY A 79 5.01 -7.99 19.10
CA GLY A 79 4.18 -8.27 17.94
C GLY A 79 4.79 -7.69 16.68
N PHE A 80 3.94 -7.63 15.64
CA PHE A 80 4.35 -7.09 14.34
C PHE A 80 4.95 -5.70 14.47
N CYS A 81 4.20 -4.78 15.08
CA CYS A 81 4.65 -3.39 15.16
C CYS A 81 5.83 -3.21 16.10
N ILE A 82 5.91 -4.04 17.16
CA ILE A 82 7.06 -3.96 18.05
C ILE A 82 8.32 -4.43 17.34
N ASP A 83 8.22 -5.50 16.55
CA ASP A 83 9.34 -5.93 15.74
C ASP A 83 9.75 -4.84 14.75
N LEU A 84 8.76 -4.15 14.18
CA LEU A 84 9.07 -3.06 13.25
C LEU A 84 9.70 -1.88 13.98
N LEU A 85 9.26 -1.61 15.21
CA LEU A 85 9.86 -0.54 16.00
C LEU A 85 11.33 -0.85 16.30
N ILE A 86 11.64 -2.09 16.68
CA ILE A 86 13.01 -2.46 17.00
C ILE A 86 13.90 -2.33 15.77
N LYS A 87 13.38 -2.71 14.60
CA LYS A 87 14.15 -2.57 13.37
C LYS A 87 14.45 -1.10 13.08
N LEU A 88 13.44 -0.24 13.22
CA LEU A 88 13.64 1.19 12.96
C LEU A 88 14.66 1.77 13.93
N ALA A 89 14.67 1.29 15.18
CA ALA A 89 15.61 1.82 16.16
C ALA A 89 17.04 1.41 15.83
N ARG A 90 17.25 0.12 15.52
CA ARG A 90 18.60 -0.33 15.15
C ARG A 90 19.05 0.27 13.83
N THR A 91 18.12 0.47 12.89
CA THR A 91 18.49 0.99 11.58
C THR A 91 18.89 2.46 11.65
N MET A 92 18.12 3.27 12.36
CA MET A 92 18.32 4.71 12.41
C MET A 92 19.01 5.17 13.68
N ASN A 93 19.35 4.26 14.59
CA ASN A 93 20.17 4.55 15.77
C ASN A 93 19.50 5.58 16.68
N PHE A 94 18.38 5.16 17.28
CA PHE A 94 17.71 5.97 18.28
C PHE A 94 17.21 5.07 19.40
N THR A 95 17.12 5.65 20.60
CA THR A 95 16.56 5.00 21.77
C THR A 95 15.09 5.40 21.91
N TYR A 96 14.35 4.57 22.65
CA TYR A 96 12.90 4.74 22.70
C TYR A 96 12.34 4.22 24.01
N GLU A 97 11.19 4.77 24.40
CA GLU A 97 10.38 4.28 25.50
C GLU A 97 8.96 4.14 25.00
N VAL A 98 8.33 3.00 25.26
CA VAL A 98 7.02 2.66 24.72
C VAL A 98 5.97 2.77 25.82
N HIS A 99 4.82 3.35 25.47
CA HIS A 99 3.68 3.41 26.37
C HIS A 99 2.40 3.29 25.56
N LEU A 100 1.37 2.71 26.19
CA LEU A 100 0.08 2.56 25.54
C LEU A 100 -0.67 3.89 25.55
N VAL A 101 -1.51 4.08 24.53
CA VAL A 101 -2.32 5.30 24.47
C VAL A 101 -3.27 5.34 25.65
N ALA A 102 -3.41 6.52 26.25
CA ALA A 102 -4.07 6.63 27.55
C ALA A 102 -5.56 6.33 27.46
N ASP A 103 -6.22 6.74 26.38
CA ASP A 103 -7.66 6.54 26.23
C ASP A 103 -8.00 5.35 25.35
N GLY A 104 -7.01 4.52 25.00
CA GLY A 104 -7.27 3.33 24.21
C GLY A 104 -7.86 3.56 22.86
N LYS A 105 -7.74 4.77 22.31
CA LYS A 105 -8.34 5.12 21.04
C LYS A 105 -7.27 5.35 19.98
N PHE A 106 -7.65 5.13 18.72
CA PHE A 106 -6.71 5.29 17.62
C PHE A 106 -6.45 6.77 17.34
N GLY A 107 -7.50 7.54 17.08
CA GLY A 107 -7.34 8.96 16.83
C GLY A 107 -8.41 9.56 15.94
N THR A 108 -9.18 10.50 16.48
CA THR A 108 -10.23 11.17 15.74
C THR A 108 -10.29 12.64 16.16
N GLN A 109 -10.69 13.49 15.22
CA GLN A 109 -10.91 14.91 15.49
C GLN A 109 -12.40 15.14 15.69
N GLU A 110 -12.79 15.45 16.92
CA GLU A 110 -14.19 15.66 17.24
C GLU A 110 -14.47 17.11 17.59
N ASN A 116 -17.52 24.54 18.76
CA ASN A 116 -16.73 25.51 18.02
C ASN A 116 -15.36 24.93 17.65
N LYS A 117 -14.61 24.52 18.66
CA LYS A 117 -13.27 24.00 18.45
C LYS A 117 -13.30 22.48 18.28
N LYS A 118 -12.36 21.98 17.48
CA LYS A 118 -12.15 20.55 17.31
C LYS A 118 -10.94 20.10 18.10
N GLU A 119 -10.89 18.81 18.42
CA GLU A 119 -9.83 18.27 19.24
C GLU A 119 -9.53 16.84 18.82
N TRP A 120 -8.24 16.52 18.71
CA TRP A 120 -7.81 15.16 18.41
C TRP A 120 -7.73 14.34 19.70
N ASN A 121 -8.23 13.11 19.62
CA ASN A 121 -8.14 12.16 20.72
C ASN A 121 -7.20 11.02 20.33
N GLY A 122 -7.06 10.06 21.25
CA GLY A 122 -6.32 8.85 20.96
C GLY A 122 -4.84 9.11 20.71
N MET A 123 -4.24 8.23 19.89
CA MET A 123 -2.82 8.35 19.59
C MET A 123 -2.51 9.62 18.81
N MET A 124 -3.45 10.09 17.99
CA MET A 124 -3.26 11.35 17.28
C MET A 124 -3.12 12.51 18.25
N GLY A 125 -3.97 12.56 19.27
CA GLY A 125 -3.88 13.62 20.25
C GLY A 125 -2.58 13.56 21.03
N GLU A 126 -2.09 12.36 21.33
CA GLU A 126 -0.84 12.22 22.06
C GLU A 126 0.35 12.64 21.21
N LEU A 127 0.30 12.38 19.91
CA LEU A 127 1.41 12.77 19.04
C LEU A 127 1.47 14.28 18.87
N LEU A 128 0.32 14.94 18.74
CA LEU A 128 0.29 16.38 18.52
C LEU A 128 0.54 17.16 19.81
N SER A 129 0.14 16.62 20.96
CA SER A 129 0.33 17.30 22.23
C SER A 129 1.74 17.15 22.77
N GLY A 130 2.58 16.32 22.15
CA GLY A 130 3.92 16.08 22.62
C GLY A 130 4.07 14.89 23.56
N GLN A 131 2.95 14.28 23.98
CA GLN A 131 3.03 13.09 24.82
C GLN A 131 3.74 11.95 24.11
N ALA A 132 3.75 11.96 22.78
CA ALA A 132 4.47 10.97 21.98
C ALA A 132 5.22 11.68 20.87
N ASP A 133 6.35 11.09 20.47
CA ASP A 133 7.12 11.58 19.34
C ASP A 133 6.88 10.76 18.08
N MET A 134 6.28 9.58 18.20
CA MET A 134 6.07 8.70 17.06
C MET A 134 4.95 7.72 17.38
N ILE A 135 4.11 7.45 16.39
CA ILE A 135 3.05 6.45 16.51
C ILE A 135 3.50 5.21 15.76
N VAL A 136 3.61 4.09 16.48
CA VAL A 136 3.94 2.80 15.88
C VAL A 136 2.78 1.87 16.20
N ALA A 137 1.83 1.79 15.27
CA ALA A 137 0.59 1.05 15.49
C ALA A 137 -0.05 0.81 14.14
N PRO A 138 -1.03 -0.11 14.06
CA PRO A 138 -1.83 -0.22 12.83
C PRO A 138 -2.68 1.01 12.59
N LEU A 139 -2.03 2.12 12.23
CA LEU A 139 -2.67 3.42 12.12
C LEU A 139 -2.99 3.68 10.65
N THR A 140 -4.28 3.73 10.33
CA THR A 140 -4.71 3.92 8.94
C THR A 140 -4.39 5.33 8.46
N ILE A 141 -3.88 5.41 7.24
CA ILE A 141 -3.60 6.69 6.60
C ILE A 141 -4.89 7.21 5.96
N ASN A 142 -5.35 8.37 6.42
CA ASN A 142 -6.51 9.01 5.81
C ASN A 142 -6.24 10.50 5.66
N ASN A 143 -7.11 11.17 4.89
CA ASN A 143 -6.95 12.59 4.63
C ASN A 143 -7.02 13.41 5.91
N GLU A 144 -7.88 12.99 6.85
CA GLU A 144 -8.05 13.75 8.09
C GLU A 144 -6.75 13.82 8.89
N ARG A 145 -6.09 12.68 9.08
CA ARG A 145 -4.90 12.66 9.91
C ARG A 145 -3.70 13.27 9.20
N ALA A 146 -3.57 13.02 7.89
CA ALA A 146 -2.43 13.55 7.14
C ALA A 146 -2.42 15.06 7.10
N GLN A 147 -3.55 15.71 7.40
CA GLN A 147 -3.62 17.17 7.45
C GLN A 147 -2.84 17.73 8.64
N TYR A 148 -2.63 16.93 9.69
CA TYR A 148 -1.98 17.39 10.91
C TYR A 148 -0.67 16.69 11.22
N ILE A 149 -0.48 15.46 10.76
CA ILE A 149 0.74 14.70 11.04
C ILE A 149 1.35 14.24 9.72
N GLU A 150 2.57 13.70 9.82
CA GLU A 150 3.27 13.13 8.68
C GLU A 150 3.17 11.61 8.73
N PHE A 151 2.72 11.01 7.64
CA PHE A 151 2.66 9.57 7.50
C PHE A 151 3.84 9.08 6.68
N SER A 152 4.46 7.99 7.13
CA SER A 152 5.43 7.32 6.28
C SER A 152 4.72 6.60 5.15
N LYS A 153 5.50 6.07 4.21
CA LYS A 153 4.93 5.17 3.22
C LYS A 153 4.34 3.97 3.95
N PRO A 154 3.27 3.37 3.41
CA PRO A 154 2.58 2.30 4.13
C PRO A 154 3.52 1.13 4.40
N PHE A 155 3.54 0.67 5.65
CA PHE A 155 4.26 -0.55 5.99
C PHE A 155 3.37 -1.79 5.91
N LYS A 156 2.06 -1.61 5.77
CA LYS A 156 1.15 -2.73 5.58
C LYS A 156 0.06 -2.31 4.62
N TYR A 157 -0.20 -3.16 3.61
CA TYR A 157 -1.27 -2.94 2.66
C TYR A 157 -2.40 -3.92 2.97
N GLN A 158 -3.57 -3.38 3.27
CA GLN A 158 -4.72 -4.22 3.60
C GLN A 158 -6.02 -3.52 3.17
N GLY A 159 -7.06 -3.64 3.98
CA GLY A 159 -8.30 -2.95 3.67
C GLY A 159 -9.34 -3.18 4.74
N LEU A 160 -10.59 -2.93 4.36
CA LEU A 160 -11.73 -3.08 5.25
C LEU A 160 -12.54 -4.30 4.84
N THR A 161 -13.02 -5.04 5.84
CA THR A 161 -13.88 -6.20 5.61
C THR A 161 -14.78 -6.38 6.83
N ILE A 162 -15.62 -7.40 6.78
CA ILE A 162 -16.67 -7.63 7.77
C ILE A 162 -16.44 -8.98 8.43
N LEU A 163 -16.44 -8.99 9.77
CA LEU A 163 -16.34 -10.21 10.55
C LEU A 163 -17.71 -10.57 11.11
N VAL A 164 -18.06 -11.86 11.01
CA VAL A 164 -19.35 -12.35 11.45
C VAL A 164 -19.19 -13.71 12.12
N LYS A 165 -20.21 -14.11 12.87
CA LYS A 165 -20.26 -15.45 13.43
C LYS A 165 -20.50 -16.47 12.33
N LYS A 166 -19.79 -17.59 12.39
CA LYS A 166 -19.94 -18.63 11.38
C LYS A 166 -21.38 -19.12 11.33
N GLY A 167 -21.96 -19.10 10.13
CA GLY A 167 -23.37 -19.38 9.93
C GLY A 167 -24.16 -18.15 9.52
N THR A 168 -23.78 -16.98 10.02
CA THR A 168 -24.39 -15.73 9.58
C THR A 168 -24.09 -15.51 8.10
N ARG A 169 -25.15 -15.36 7.31
CA ARG A 169 -25.04 -15.27 5.85
C ARG A 169 -25.37 -13.84 5.42
N ILE A 170 -24.34 -13.05 5.17
CA ILE A 170 -24.49 -11.74 4.53
C ILE A 170 -23.44 -11.64 3.43
N THR A 171 -23.82 -11.01 2.32
CA THR A 171 -22.93 -10.96 1.16
C THR A 171 -21.72 -10.07 1.42
N GLY A 172 -21.94 -8.89 2.00
CA GLY A 172 -20.86 -7.97 2.26
C GLY A 172 -21.35 -6.56 2.52
N ILE A 173 -20.60 -5.57 2.02
CA ILE A 173 -20.96 -4.16 2.26
C ILE A 173 -22.28 -3.80 1.62
N ASN A 174 -22.75 -4.59 0.65
CA ASN A 174 -23.98 -4.31 -0.07
C ASN A 174 -25.10 -5.28 0.29
N ASP A 175 -25.04 -5.88 1.48
CA ASP A 175 -26.11 -6.77 1.91
C ASP A 175 -27.29 -5.95 2.43
N PRO A 176 -28.52 -6.35 2.11
CA PRO A 176 -29.70 -5.57 2.56
C PRO A 176 -29.77 -5.39 4.07
N ARG A 177 -29.30 -6.37 4.84
CA ARG A 177 -29.30 -6.22 6.30
C ARG A 177 -28.37 -5.10 6.76
N LEU A 178 -27.45 -4.66 5.91
CA LEU A 178 -26.56 -3.54 6.20
C LEU A 178 -27.04 -2.25 5.55
N ARG A 179 -27.52 -2.31 4.31
CA ARG A 179 -27.92 -1.10 3.59
C ARG A 179 -29.31 -0.63 4.01
N ASN A 180 -30.19 -1.54 4.40
CA ASN A 180 -31.52 -1.21 4.91
C ASN A 180 -31.65 -1.84 6.29
N PRO A 181 -30.94 -1.30 7.29
CA PRO A 181 -30.82 -2.00 8.57
C PRO A 181 -32.04 -1.82 9.45
N SER A 182 -32.15 -2.73 10.41
CA SER A 182 -33.15 -2.66 11.47
C SER A 182 -32.44 -3.04 12.78
N ASP A 183 -33.22 -3.29 13.82
CA ASP A 183 -32.67 -3.75 15.09
C ASP A 183 -32.50 -5.26 15.14
N LYS A 184 -32.91 -5.98 14.09
CA LYS A 184 -32.75 -7.43 14.05
C LYS A 184 -31.35 -7.86 13.63
N PHE A 185 -30.52 -6.93 13.17
CA PHE A 185 -29.14 -7.22 12.78
C PHE A 185 -28.27 -6.04 13.18
N ILE A 186 -27.47 -6.21 14.22
CA ILE A 186 -26.63 -5.15 14.77
C ILE A 186 -25.23 -5.30 14.20
N TYR A 187 -24.72 -4.20 13.63
CA TYR A 187 -23.33 -4.14 13.19
C TYR A 187 -22.74 -2.81 13.66
N ALA A 188 -21.42 -2.80 13.85
CA ALA A 188 -20.74 -1.63 14.39
C ALA A 188 -19.25 -1.73 14.09
N THR A 189 -18.52 -0.70 14.50
CA THR A 189 -17.06 -0.65 14.39
C THR A 189 -16.50 -0.14 15.71
N VAL A 190 -15.23 0.24 15.71
CA VAL A 190 -14.58 0.74 16.92
C VAL A 190 -14.80 2.24 17.02
N LYS A 191 -15.15 2.71 18.22
CA LYS A 191 -15.31 4.14 18.45
C LYS A 191 -14.01 4.87 18.18
N GLN A 192 -14.14 6.06 17.57
CA GLN A 192 -13.02 6.98 17.41
C GLN A 192 -11.84 6.33 16.67
N SER A 193 -12.17 5.52 15.65
CA SER A 193 -11.18 4.91 14.78
C SER A 193 -11.30 5.50 13.38
N SER A 194 -10.34 5.13 12.52
CA SER A 194 -10.42 5.57 11.13
C SER A 194 -11.64 5.00 10.43
N VAL A 195 -12.08 3.80 10.84
CA VAL A 195 -13.29 3.23 10.26
C VAL A 195 -14.51 4.02 10.70
N ASP A 196 -14.48 4.60 11.90
CA ASP A 196 -15.60 5.42 12.36
C ASP A 196 -15.74 6.67 11.50
N ILE A 197 -14.62 7.35 11.21
CA ILE A 197 -14.68 8.51 10.33
C ILE A 197 -15.13 8.08 8.94
N TYR A 198 -14.70 6.88 8.51
CA TYR A 198 -14.96 6.41 7.16
C TYR A 198 -16.45 6.43 6.86
N PHE A 199 -17.27 5.94 7.79
CA PHE A 199 -18.71 5.92 7.59
C PHE A 199 -19.38 7.25 7.92
N ARG A 200 -18.68 8.14 8.64
CA ARG A 200 -19.28 9.43 8.98
C ARG A 200 -19.13 10.44 7.85
N ARG A 201 -18.02 10.40 7.11
CA ARG A 201 -17.74 11.43 6.12
C ARG A 201 -18.45 11.19 4.78
N GLN A 202 -18.82 9.95 4.48
CA GLN A 202 -19.38 9.59 3.18
C GLN A 202 -20.90 9.56 3.29
N VAL A 203 -21.57 10.53 2.66
CA VAL A 203 -23.02 10.65 2.75
C VAL A 203 -23.70 9.42 2.15
N GLU A 204 -23.04 8.74 1.21
CA GLU A 204 -23.61 7.52 0.64
C GLU A 204 -23.76 6.42 1.68
N LEU A 205 -23.00 6.49 2.78
CA LEU A 205 -23.07 5.51 3.86
C LEU A 205 -23.82 6.05 5.07
N SER A 206 -24.58 7.14 4.92
CA SER A 206 -25.22 7.77 6.06
C SER A 206 -26.21 6.83 6.75
N THR A 207 -26.91 6.02 5.97
CA THR A 207 -27.85 5.06 6.55
C THR A 207 -27.13 4.09 7.48
N MET A 208 -25.99 3.56 7.03
CA MET A 208 -25.24 2.62 7.84
C MET A 208 -24.65 3.30 9.07
N TYR A 209 -24.16 4.54 8.92
CA TYR A 209 -23.48 5.22 10.03
C TYR A 209 -24.43 5.46 11.20
N ARG A 210 -25.67 5.88 10.92
CA ARG A 210 -26.62 6.13 11.99
C ARG A 210 -27.05 4.86 12.71
N HIS A 211 -26.92 3.70 12.05
CA HIS A 211 -27.15 2.44 12.75
C HIS A 211 -25.99 2.08 13.65
N MET A 212 -24.75 2.35 13.20
CA MET A 212 -23.57 1.96 13.96
C MET A 212 -23.30 2.89 15.14
N GLU A 213 -23.64 4.18 15.01
CA GLU A 213 -23.30 5.15 16.05
C GLU A 213 -23.87 4.74 17.41
N LYS A 214 -24.99 4.03 17.43
CA LYS A 214 -25.58 3.56 18.67
C LYS A 214 -24.95 2.30 19.21
N HIS A 215 -24.10 1.62 18.43
CA HIS A 215 -23.55 0.33 18.83
C HIS A 215 -22.04 0.23 18.74
N ASN A 216 -21.33 1.30 18.40
CA ASN A 216 -19.88 1.22 18.26
C ASN A 216 -19.23 0.85 19.58
N TYR A 217 -18.18 0.04 19.49
CA TYR A 217 -17.51 -0.51 20.66
C TYR A 217 -16.23 0.27 20.99
N GLU A 218 -15.81 0.17 22.25
CA GLU A 218 -14.66 0.93 22.71
C GLU A 218 -13.35 0.37 22.17
N SER A 219 -13.29 -0.93 21.89
CA SER A 219 -12.07 -1.55 21.41
C SER A 219 -12.43 -2.69 20.45
N ALA A 220 -11.49 -3.00 19.57
CA ALA A 220 -11.70 -4.09 18.61
C ALA A 220 -11.86 -5.42 19.33
N ALA A 221 -11.06 -5.64 20.38
CA ALA A 221 -11.14 -6.91 21.11
C ALA A 221 -12.51 -7.11 21.73
N GLU A 222 -13.11 -6.03 22.26
CA GLU A 222 -14.45 -6.13 22.82
C GLU A 222 -15.49 -6.42 21.75
N ALA A 223 -15.37 -5.76 20.59
CA ALA A 223 -16.30 -6.00 19.50
C ALA A 223 -16.16 -7.41 18.96
N ILE A 224 -14.92 -7.90 18.82
CA ILE A 224 -14.70 -9.28 18.39
C ILE A 224 -15.32 -10.25 19.38
N GLN A 225 -15.12 -10.00 20.67
CA GLN A 225 -15.75 -10.83 21.70
C GLN A 225 -17.27 -10.75 21.62
N ALA A 226 -17.80 -9.58 21.26
CA ALA A 226 -19.24 -9.43 21.14
C ALA A 226 -19.81 -10.25 19.98
N VAL A 227 -19.00 -10.46 18.93
CA VAL A 227 -19.45 -11.31 17.83
C VAL A 227 -19.42 -12.77 18.25
N ARG A 228 -18.42 -13.16 19.06
CA ARG A 228 -18.35 -14.52 19.55
C ARG A 228 -19.57 -14.85 20.41
N ASP A 229 -19.99 -13.93 21.27
CA ASP A 229 -21.09 -14.14 22.19
C ASP A 229 -22.44 -13.77 21.58
N ASN A 230 -22.49 -13.50 20.28
CA ASN A 230 -23.73 -13.19 19.56
C ASN A 230 -24.45 -11.99 20.17
N LYS A 231 -23.68 -11.00 20.61
CA LYS A 231 -24.23 -9.69 20.94
C LYS A 231 -24.07 -8.69 19.81
N LEU A 232 -23.11 -8.90 18.92
CA LEU A 232 -22.90 -8.11 17.73
C LEU A 232 -22.89 -9.05 16.53
N HIS A 233 -23.65 -8.72 15.49
CA HIS A 233 -23.83 -9.64 14.38
C HIS A 233 -22.87 -9.39 13.22
N ALA A 234 -22.17 -8.25 13.20
CA ALA A 234 -21.20 -7.98 12.16
C ALA A 234 -20.24 -6.90 12.65
N PHE A 235 -18.95 -7.13 12.46
CA PHE A 235 -17.91 -6.20 12.87
C PHE A 235 -17.15 -5.73 11.63
N ILE A 236 -17.21 -4.43 11.36
CA ILE A 236 -16.50 -3.83 10.25
C ILE A 236 -15.19 -3.24 10.78
N TRP A 237 -14.07 -3.78 10.31
CA TRP A 237 -12.77 -3.46 10.88
C TRP A 237 -11.69 -3.79 9.85
N ASP A 238 -10.44 -3.58 10.24
CA ASP A 238 -9.30 -3.81 9.36
C ASP A 238 -9.21 -5.29 8.98
N SER A 239 -8.88 -5.55 7.71
CA SER A 239 -8.83 -6.92 7.24
C SER A 239 -7.64 -7.69 7.79
N ALA A 240 -6.50 -7.02 7.98
CA ALA A 240 -5.33 -7.70 8.54
C ALA A 240 -5.59 -8.15 9.98
N VAL A 241 -6.52 -7.50 10.67
CA VAL A 241 -6.88 -7.89 12.03
C VAL A 241 -7.96 -8.96 12.01
N LEU A 242 -9.02 -8.73 11.23
CA LEU A 242 -10.16 -9.65 11.23
C LEU A 242 -9.78 -11.02 10.65
N GLU A 243 -8.96 -11.03 9.60
CA GLU A 243 -8.56 -12.30 9.01
C GLU A 243 -7.64 -13.08 9.92
N PHE A 244 -6.81 -12.40 10.71
CA PHE A 244 -6.01 -13.09 11.72
C PHE A 244 -6.91 -13.71 12.79
N GLU A 245 -7.97 -12.99 13.19
CA GLU A 245 -8.89 -13.53 14.18
C GLU A 245 -9.63 -14.74 13.65
N ALA A 246 -9.99 -14.73 12.37
CA ALA A 246 -10.68 -15.87 11.78
C ALA A 246 -9.76 -17.06 11.64
N SER A 247 -8.45 -16.84 11.56
CA SER A 247 -7.50 -17.94 11.41
C SER A 247 -7.23 -18.64 12.74
N GLN A 248 -7.38 -17.93 13.86
CA GLN A 248 -7.17 -18.52 15.17
C GLN A 248 -8.46 -18.94 15.87
N LYS A 249 -9.58 -18.31 15.53
CA LYS A 249 -10.88 -18.62 16.12
C LYS A 249 -11.80 -19.06 14.99
N CYS A 250 -12.02 -20.37 14.88
CA CYS A 250 -12.71 -20.95 13.73
C CYS A 250 -14.23 -20.80 13.80
N ASP A 251 -14.77 -20.21 14.87
CA ASP A 251 -16.17 -19.84 14.91
C ASP A 251 -16.43 -18.47 14.32
N LEU A 252 -15.42 -17.83 13.76
CA LEU A 252 -15.53 -16.52 13.15
C LEU A 252 -15.02 -16.57 11.71
N VAL A 253 -15.75 -15.94 10.80
CA VAL A 253 -15.38 -15.88 9.40
C VAL A 253 -15.53 -14.44 8.91
N THR A 254 -14.75 -14.11 7.88
CA THR A 254 -14.87 -12.83 7.18
C THR A 254 -15.66 -13.06 5.90
N THR A 255 -16.62 -12.18 5.63
CA THR A 255 -17.48 -12.29 4.47
C THR A 255 -17.01 -11.35 3.37
N GLY A 256 -16.96 -11.85 2.14
CA GLY A 256 -16.47 -11.07 1.02
C GLY A 256 -14.99 -10.76 1.14
N GLU A 257 -14.49 -10.06 0.13
CA GLU A 257 -13.10 -9.62 0.13
C GLU A 257 -12.97 -8.26 0.82
N LEU A 258 -12.27 -7.33 0.18
CA LEU A 258 -12.13 -5.98 0.69
C LEU A 258 -13.01 -5.05 -0.12
N PHE A 259 -13.91 -4.33 0.56
CA PHE A 259 -14.71 -3.30 -0.09
C PHE A 259 -14.03 -1.94 -0.07
N PHE A 260 -12.80 -1.87 0.44
CA PHE A 260 -12.05 -0.62 0.56
C PHE A 260 -10.61 -0.98 0.90
N ARG A 261 -9.67 -0.29 0.24
CA ARG A 261 -8.25 -0.49 0.49
C ARG A 261 -7.73 0.57 1.44
N SER A 262 -6.94 0.15 2.42
CA SER A 262 -6.31 1.07 3.36
C SER A 262 -4.96 0.52 3.75
N GLY A 263 -4.14 1.38 4.35
CA GLY A 263 -2.79 1.01 4.75
C GLY A 263 -2.39 1.65 6.05
N PHE A 264 -1.47 0.99 6.74
CA PHE A 264 -0.94 1.49 8.01
C PHE A 264 0.38 2.20 7.79
N GLY A 265 0.61 3.25 8.58
CA GLY A 265 1.84 4.02 8.43
C GLY A 265 2.36 4.49 9.77
N ILE A 266 3.68 4.68 9.83
CA ILE A 266 4.28 5.31 10.99
C ILE A 266 3.81 6.76 11.06
N GLY A 267 3.53 7.22 12.27
CA GLY A 267 3.01 8.57 12.49
C GLY A 267 3.99 9.42 13.28
N MET A 268 4.38 10.55 12.68
CA MET A 268 5.26 11.52 13.31
C MET A 268 4.71 12.92 13.08
N ARG A 269 5.18 13.85 13.89
CA ARG A 269 4.88 15.25 13.66
C ARG A 269 5.58 15.74 12.39
N LYS A 270 4.99 16.77 11.77
CA LYS A 270 5.45 17.20 10.46
C LYS A 270 6.84 17.81 10.48
N ASP A 271 7.33 18.23 11.64
CA ASP A 271 8.67 18.80 11.77
C ASP A 271 9.69 17.80 12.30
N SER A 272 9.35 16.52 12.32
CA SER A 272 10.26 15.51 12.85
C SER A 272 11.47 15.36 11.94
N PRO A 273 12.68 15.27 12.50
CA PRO A 273 13.87 15.06 11.67
C PRO A 273 14.06 13.62 11.21
N TRP A 274 13.27 12.68 11.74
CA TRP A 274 13.40 11.27 11.40
C TRP A 274 12.48 10.83 10.26
N LYS A 275 11.60 11.71 9.79
CA LYS A 275 10.49 11.26 8.95
C LYS A 275 10.97 10.68 7.61
N GLN A 276 12.02 11.27 7.03
CA GLN A 276 12.46 10.78 5.72
C GLN A 276 13.15 9.42 5.84
N ASN A 277 14.01 9.25 6.85
CA ASN A 277 14.70 7.97 7.00
C ASN A 277 13.76 6.88 7.48
N VAL A 278 12.72 7.23 8.25
CA VAL A 278 11.71 6.24 8.61
C VAL A 278 11.02 5.71 7.36
N SER A 279 10.59 6.61 6.48
CA SER A 279 9.89 6.19 5.26
C SER A 279 10.80 5.36 4.37
N LEU A 280 12.08 5.74 4.25
CA LEU A 280 13.01 4.97 3.43
C LEU A 280 13.22 3.58 4.01
N SER A 281 13.27 3.46 5.34
CA SER A 281 13.44 2.16 5.97
C SER A 281 12.23 1.26 5.73
N ILE A 282 11.03 1.85 5.66
CA ILE A 282 9.83 1.08 5.34
C ILE A 282 9.95 0.48 3.95
N LEU A 283 10.37 1.29 2.98
CA LEU A 283 10.53 0.79 1.61
C LEU A 283 11.59 -0.29 1.55
N LYS A 284 12.73 -0.06 2.22
CA LYS A 284 13.80 -1.05 2.23
C LYS A 284 13.32 -2.38 2.81
N SER A 285 12.55 -2.33 3.89
CA SER A 285 12.06 -3.56 4.51
C SER A 285 11.07 -4.28 3.60
N HIS A 286 10.25 -3.52 2.86
CA HIS A 286 9.38 -4.14 1.87
C HIS A 286 10.20 -4.83 0.78
N GLU A 287 11.26 -4.16 0.30
CA GLU A 287 11.97 -4.60 -0.88
C GLU A 287 12.98 -5.71 -0.60
N ASN A 288 13.36 -5.93 0.65
CA ASN A 288 14.30 -7.01 0.98
C ASN A 288 13.62 -8.17 1.71
N GLY A 289 12.28 -8.16 1.79
CA GLY A 289 11.55 -9.27 2.36
C GLY A 289 11.34 -9.22 3.86
N PHE A 290 11.78 -8.16 4.54
CA PHE A 290 11.61 -8.10 5.98
C PHE A 290 10.15 -7.96 6.36
N MET A 291 9.41 -7.09 5.66
CA MET A 291 7.98 -6.97 5.92
C MET A 291 7.26 -8.27 5.65
N GLU A 292 7.72 -9.04 4.67
CA GLU A 292 7.09 -10.33 4.37
C GLU A 292 7.39 -11.34 5.47
N ASP A 293 8.61 -11.33 6.02
CA ASP A 293 8.94 -12.20 7.14
C ASP A 293 8.04 -11.90 8.35
N LEU A 294 7.86 -10.61 8.65
CA LEU A 294 6.96 -10.23 9.73
C LEU A 294 5.55 -10.73 9.47
N ASP A 295 5.11 -10.70 8.21
CA ASP A 295 3.79 -11.22 7.87
C ASP A 295 3.73 -12.72 8.09
N LYS A 296 4.84 -13.43 7.84
CA LYS A 296 4.89 -14.85 8.12
C LYS A 296 4.99 -15.13 9.62
N THR A 297 5.70 -14.27 10.36
CA THR A 297 5.90 -14.52 11.77
C THR A 297 4.64 -14.25 12.58
N TRP A 298 3.89 -13.19 12.23
CA TRP A 298 2.83 -12.70 13.08
C TRP A 298 1.43 -12.85 12.48
N VAL A 299 1.29 -12.83 11.16
CA VAL A 299 -0.01 -12.72 10.51
C VAL A 299 -0.47 -14.06 9.93
N ARG A 300 0.32 -14.66 9.05
CA ARG A 300 -0.09 -15.84 8.28
C ARG A 300 0.65 -17.07 8.80
N TYR A 301 -0.02 -17.84 9.65
CA TYR A 301 0.49 -19.15 10.07
C TYR A 301 -0.63 -20.06 10.54
N ASP B 17 4.63 29.01 -13.67
CA ASP B 17 4.60 29.13 -12.22
C ASP B 17 3.49 28.25 -11.65
N ASN B 18 2.25 28.53 -12.07
CA ASN B 18 1.12 27.66 -11.79
C ASN B 18 0.82 26.73 -12.96
N HIS B 19 1.59 26.84 -14.05
CA HIS B 19 1.46 25.97 -15.22
C HIS B 19 2.66 25.03 -15.21
N LEU B 20 2.41 23.75 -15.04
CA LEU B 20 3.43 22.78 -14.68
C LEU B 20 3.82 21.91 -15.87
N SER B 21 5.10 21.55 -15.92
CA SER B 21 5.61 20.58 -16.89
C SER B 21 5.52 19.19 -16.28
N ILE B 22 4.75 18.30 -16.90
CA ILE B 22 4.49 16.97 -16.36
C ILE B 22 4.86 15.94 -17.43
N VAL B 23 5.61 14.93 -17.03
CA VAL B 23 6.05 13.86 -17.93
C VAL B 23 5.25 12.60 -17.62
N THR B 24 5.04 11.78 -18.66
CA THR B 24 4.35 10.51 -18.50
C THR B 24 4.97 9.50 -19.47
N LEU B 25 4.44 8.28 -19.45
CA LEU B 25 4.92 7.19 -20.27
C LEU B 25 3.78 6.22 -20.52
N GLU B 26 3.70 5.70 -21.75
CA GLU B 26 2.57 4.86 -22.13
C GLU B 26 2.72 3.46 -21.56
N GLU B 27 1.69 3.02 -20.81
CA GLU B 27 1.59 1.62 -20.39
C GLU B 27 0.11 1.37 -20.08
N ALA B 28 -0.57 0.68 -21.00
CA ALA B 28 -1.98 0.39 -20.81
C ALA B 28 -2.17 -0.49 -19.59
N PRO B 29 -3.25 -0.32 -18.82
CA PRO B 29 -4.35 0.64 -19.01
C PRO B 29 -4.15 1.95 -18.27
N PHE B 30 -2.95 2.19 -17.75
CA PHE B 30 -2.75 3.36 -16.90
C PHE B 30 -2.46 4.62 -17.71
N VAL B 31 -1.71 4.49 -18.80
CA VAL B 31 -1.49 5.60 -19.73
C VAL B 31 -1.59 5.03 -21.14
N ILE B 32 -2.54 5.53 -21.93
CA ILE B 32 -2.78 5.08 -23.29
C ILE B 32 -2.63 6.27 -24.22
N VAL B 33 -1.94 6.06 -25.35
CA VAL B 33 -1.63 7.12 -26.31
C VAL B 33 -2.41 6.86 -27.59
N GLU B 34 -2.98 7.93 -28.15
CA GLU B 34 -3.69 7.87 -29.42
C GLU B 34 -3.22 8.99 -30.33
N ASP B 35 -3.49 8.83 -31.62
CA ASP B 35 -3.25 9.88 -32.58
C ASP B 35 -4.37 10.92 -32.52
N ILE B 36 -4.32 11.91 -33.40
CA ILE B 36 -5.36 12.92 -33.45
C ILE B 36 -5.57 13.41 -34.89
N GLU B 41 -7.18 18.01 -35.48
CA GLU B 41 -6.04 18.09 -34.58
C GLU B 41 -6.44 18.62 -33.21
N THR B 42 -7.45 17.98 -32.61
CA THR B 42 -7.95 18.39 -31.30
C THR B 42 -8.36 17.15 -30.52
N CYS B 43 -7.68 16.88 -29.41
CA CYS B 43 -8.03 15.74 -28.57
C CYS B 43 -9.46 15.85 -28.07
N VAL B 44 -10.13 14.71 -27.98
CA VAL B 44 -11.57 14.65 -27.73
C VAL B 44 -11.85 13.73 -26.55
N ARG B 45 -13.08 13.83 -26.04
CA ARG B 45 -13.67 12.90 -25.06
C ARG B 45 -12.79 12.90 -23.81
N ASN B 46 -12.42 11.73 -23.27
CA ASN B 46 -11.69 11.62 -22.01
C ASN B 46 -10.19 11.78 -22.17
N THR B 47 -9.71 12.15 -23.36
CA THR B 47 -8.28 12.28 -23.60
C THR B 47 -7.82 13.71 -23.36
N VAL B 48 -6.55 13.84 -22.96
CA VAL B 48 -5.92 15.14 -22.76
C VAL B 48 -4.74 15.25 -23.72
N PRO B 49 -4.33 16.44 -24.13
CA PRO B 49 -3.23 16.56 -25.09
C PRO B 49 -1.90 16.22 -24.44
N CYS B 50 -1.11 15.40 -25.14
CA CYS B 50 0.24 15.06 -24.72
C CYS B 50 1.14 15.03 -25.94
N ARG B 51 2.32 15.64 -25.84
CA ARG B 51 3.24 15.74 -26.95
C ARG B 51 4.38 14.73 -26.79
N LYS B 52 4.96 14.34 -27.92
CA LYS B 52 6.08 13.40 -27.92
C LYS B 52 7.15 13.91 -28.89
N PHE B 53 8.37 14.07 -28.38
CA PHE B 53 9.49 14.47 -29.21
C PHE B 53 9.94 13.29 -30.08
N VAL B 54 9.89 13.46 -31.40
CA VAL B 54 10.23 12.41 -32.35
C VAL B 54 11.37 12.91 -33.22
N LYS B 55 12.44 12.13 -33.29
CA LYS B 55 13.64 12.57 -34.01
C LYS B 55 13.44 12.52 -35.52
N ILE B 56 14.16 13.39 -36.21
CA ILE B 56 14.13 13.40 -37.68
C ILE B 56 14.88 12.21 -38.22
N ASN B 57 16.11 11.99 -37.75
CA ASN B 57 16.88 10.80 -38.09
C ASN B 57 17.89 10.56 -36.97
N ASN B 58 18.75 9.56 -37.18
CA ASN B 58 19.73 9.16 -36.18
C ASN B 58 21.11 9.75 -36.43
N SER B 59 21.23 10.66 -37.39
CA SER B 59 22.46 11.42 -37.60
C SER B 59 22.38 12.84 -37.07
N THR B 60 21.26 13.22 -36.45
CA THR B 60 21.08 14.57 -35.96
C THR B 60 20.39 14.53 -34.60
N ASN B 61 20.48 15.65 -33.89
CA ASN B 61 19.70 15.89 -32.68
C ASN B 61 18.37 16.55 -32.99
N GLU B 62 18.07 16.80 -34.26
CA GLU B 62 16.85 17.48 -34.64
C GLU B 62 15.63 16.58 -34.43
N GLY B 63 14.51 17.20 -34.08
CA GLY B 63 13.27 16.48 -33.90
C GLY B 63 12.13 17.46 -33.80
N MET B 64 10.92 16.92 -33.69
CA MET B 64 9.74 17.76 -33.60
C MET B 64 8.72 17.11 -32.68
N ASN B 65 7.99 17.95 -31.96
CA ASN B 65 6.95 17.49 -31.05
C ASN B 65 5.71 17.11 -31.85
N VAL B 66 5.31 15.84 -31.77
CA VAL B 66 4.09 15.38 -32.41
C VAL B 66 2.95 15.48 -31.40
N LYS B 67 1.91 16.23 -31.75
CA LYS B 67 0.76 16.37 -30.88
C LYS B 67 -0.04 15.07 -30.86
N LYS B 68 -0.16 14.46 -29.69
CA LYS B 68 -0.93 13.23 -29.51
C LYS B 68 -1.93 13.43 -28.37
N CYS B 69 -2.68 12.37 -28.08
CA CYS B 69 -3.69 12.39 -27.04
C CYS B 69 -3.44 11.25 -26.06
N CYS B 70 -3.68 11.53 -24.78
CA CYS B 70 -3.39 10.58 -23.71
C CYS B 70 -4.63 10.34 -22.86
N LYS B 71 -4.84 9.09 -22.46
CA LYS B 71 -5.95 8.71 -21.60
C LYS B 71 -5.51 7.52 -20.75
N GLY B 72 -6.37 7.15 -19.81
CA GLY B 72 -6.14 6.00 -18.96
C GLY B 72 -6.38 6.32 -17.50
N PHE B 73 -6.12 5.31 -16.66
CA PHE B 73 -6.39 5.43 -15.23
C PHE B 73 -5.57 6.56 -14.62
N CYS B 74 -4.25 6.55 -14.84
CA CYS B 74 -3.39 7.59 -14.27
C CYS B 74 -3.65 8.95 -14.88
N ILE B 75 -4.16 9.00 -16.12
CA ILE B 75 -4.53 10.29 -16.71
C ILE B 75 -5.77 10.84 -16.02
N ASP B 76 -6.74 9.97 -15.71
CA ASP B 76 -7.91 10.40 -14.95
C ASP B 76 -7.52 10.90 -13.55
N ILE B 77 -6.50 10.29 -12.95
CA ILE B 77 -5.98 10.78 -11.68
C ILE B 77 -5.38 12.16 -11.85
N LEU B 78 -4.63 12.37 -12.94
CA LEU B 78 -4.06 13.68 -13.21
C LEU B 78 -5.13 14.72 -13.47
N LYS B 79 -6.19 14.33 -14.19
CA LYS B 79 -7.31 15.24 -14.42
C LYS B 79 -7.97 15.63 -13.09
N LYS B 80 -8.12 14.68 -12.18
CA LYS B 80 -8.67 14.98 -10.86
C LYS B 80 -7.74 15.89 -10.08
N LEU B 81 -6.44 15.59 -10.08
CA LEU B 81 -5.49 16.40 -9.34
C LEU B 81 -5.41 17.81 -9.91
N SER B 82 -5.45 17.94 -11.23
CA SER B 82 -5.42 19.27 -11.85
C SER B 82 -6.65 20.08 -11.45
N ARG B 83 -7.81 19.42 -11.34
CA ARG B 83 -9.03 20.12 -10.95
C ARG B 83 -9.02 20.48 -9.47
N THR B 84 -8.56 19.56 -8.62
CA THR B 84 -8.61 19.78 -7.18
C THR B 84 -7.50 20.71 -6.70
N VAL B 85 -6.24 20.33 -6.95
CA VAL B 85 -5.11 21.17 -6.57
C VAL B 85 -5.06 22.47 -7.36
N LYS B 86 -5.84 22.58 -8.43
CA LYS B 86 -5.94 23.78 -9.25
C LYS B 86 -4.60 24.13 -9.90
N PHE B 87 -4.28 23.46 -11.00
CA PHE B 87 -3.12 23.79 -11.80
C PHE B 87 -3.34 23.30 -13.23
N THR B 88 -2.73 23.99 -14.17
CA THR B 88 -2.69 23.56 -15.56
C THR B 88 -1.34 22.91 -15.85
N TYR B 89 -1.28 22.17 -16.96
CA TYR B 89 -0.08 21.39 -17.23
C TYR B 89 0.14 21.23 -18.72
N ASP B 90 1.41 21.06 -19.09
CA ASP B 90 1.84 20.65 -20.42
C ASP B 90 2.39 19.24 -20.29
N LEU B 91 1.60 18.25 -20.70
CA LEU B 91 1.98 16.85 -20.57
C LEU B 91 2.80 16.41 -21.77
N TYR B 92 3.86 15.66 -21.50
CA TYR B 92 4.71 15.15 -22.57
C TYR B 92 5.21 13.76 -22.19
N LEU B 93 5.55 12.98 -23.21
CA LEU B 93 5.98 11.59 -23.04
C LEU B 93 7.49 11.52 -23.00
N VAL B 94 8.02 10.75 -22.03
CA VAL B 94 9.46 10.62 -21.89
C VAL B 94 10.03 9.87 -23.09
N THR B 95 11.17 10.35 -23.59
CA THR B 95 11.88 9.71 -24.68
C THR B 95 13.27 9.22 -24.30
N ASN B 96 13.80 9.66 -23.15
CA ASN B 96 15.11 9.23 -22.68
C ASN B 96 14.90 8.13 -21.65
N GLY B 97 14.74 6.91 -22.15
CA GLY B 97 14.46 5.78 -21.29
C GLY B 97 12.98 5.57 -21.08
N LYS B 98 12.67 4.83 -20.02
CA LYS B 98 11.27 4.49 -19.74
C LYS B 98 10.83 4.97 -18.38
N HIS B 99 10.66 4.06 -17.43
CA HIS B 99 10.20 4.44 -16.10
C HIS B 99 11.29 5.18 -15.33
N GLY B 100 12.47 4.58 -15.23
CA GLY B 100 13.58 5.22 -14.54
C GLY B 100 14.64 4.24 -14.08
N LYS B 101 15.87 4.43 -14.55
CA LYS B 101 17.00 3.60 -14.15
C LYS B 101 18.22 4.49 -13.95
N LYS B 102 18.99 4.19 -12.90
CA LYS B 102 20.23 4.91 -12.63
C LYS B 102 21.37 4.24 -13.40
N VAL B 103 21.90 4.95 -14.37
CA VAL B 103 23.00 4.46 -15.20
C VAL B 103 24.20 5.37 -14.94
N ASN B 104 25.28 4.78 -14.41
CA ASN B 104 26.50 5.52 -14.08
C ASN B 104 26.19 6.71 -13.17
N ASN B 105 25.37 6.46 -12.15
CA ASN B 105 24.93 7.46 -11.18
C ASN B 105 24.12 8.59 -11.82
N VAL B 106 23.52 8.33 -12.98
CA VAL B 106 22.69 9.30 -13.69
C VAL B 106 21.34 8.65 -13.97
N TRP B 107 20.27 9.31 -13.53
CA TRP B 107 18.92 8.78 -13.66
C TRP B 107 18.35 9.14 -15.03
N ASN B 108 17.76 8.15 -15.71
CA ASN B 108 17.04 8.36 -16.94
C ASN B 108 15.54 8.18 -16.71
N GLY B 109 14.79 8.07 -17.79
CA GLY B 109 13.37 7.80 -17.68
C GLY B 109 12.60 8.95 -17.05
N MET B 110 11.44 8.60 -16.48
CA MET B 110 10.58 9.60 -15.85
C MET B 110 11.24 10.20 -14.62
N ILE B 111 11.94 9.37 -13.83
CA ILE B 111 12.66 9.88 -12.67
C ILE B 111 13.71 10.90 -13.09
N GLY B 112 14.47 10.58 -14.14
CA GLY B 112 15.46 11.52 -14.63
C GLY B 112 14.85 12.85 -15.05
N GLU B 113 13.69 12.81 -15.70
CA GLU B 113 13.02 14.05 -16.09
C GLU B 113 12.69 14.89 -14.87
N VAL B 114 12.38 14.26 -13.74
CA VAL B 114 12.07 15.00 -12.52
C VAL B 114 13.35 15.40 -11.80
N VAL B 115 14.34 14.50 -11.76
CA VAL B 115 15.59 14.77 -11.06
C VAL B 115 16.26 16.01 -11.63
N TYR B 116 16.41 16.06 -12.96
CA TYR B 116 17.09 17.15 -13.64
C TYR B 116 16.14 18.28 -14.01
N GLN B 117 14.96 18.34 -13.38
CA GLN B 117 14.11 19.53 -13.36
C GLN B 117 13.58 19.90 -14.73
N ARG B 118 13.42 18.91 -15.62
CA ARG B 118 12.70 19.13 -16.86
C ARG B 118 11.20 18.93 -16.71
N ALA B 119 10.76 18.35 -15.59
CA ALA B 119 9.35 18.14 -15.31
C ALA B 119 9.09 18.39 -13.84
N VAL B 120 7.97 19.05 -13.55
CA VAL B 120 7.62 19.30 -12.15
C VAL B 120 7.16 18.01 -11.47
N MET B 121 6.52 17.11 -12.22
CA MET B 121 6.07 15.84 -11.65
C MET B 121 5.95 14.81 -12.77
N ALA B 122 5.78 13.56 -12.36
CA ALA B 122 5.64 12.43 -13.28
C ALA B 122 4.46 11.59 -12.86
N VAL B 123 3.57 11.29 -13.81
CA VAL B 123 2.37 10.51 -13.55
C VAL B 123 2.35 9.31 -14.49
N GLY B 124 2.02 8.14 -13.95
CA GLY B 124 1.95 6.93 -14.74
C GLY B 124 2.12 5.70 -13.88
N SER B 125 2.56 4.62 -14.51
CA SER B 125 2.83 3.36 -13.81
C SER B 125 4.25 3.37 -13.24
N LEU B 126 4.48 4.33 -12.35
CA LEU B 126 5.80 4.59 -11.80
C LEU B 126 5.88 4.01 -10.39
N THR B 127 6.75 3.02 -10.20
CA THR B 127 6.81 2.27 -8.95
C THR B 127 7.63 3.03 -7.91
N ILE B 128 7.08 3.13 -6.70
CA ILE B 128 7.80 3.71 -5.57
C ILE B 128 8.77 2.67 -5.02
N ASN B 129 10.05 3.00 -4.99
CA ASN B 129 11.03 2.19 -4.29
C ASN B 129 12.03 3.09 -3.59
N GLU B 130 12.93 2.46 -2.82
CA GLU B 130 13.82 3.21 -1.93
C GLU B 130 14.80 4.08 -2.71
N GLU B 131 15.48 3.49 -3.69
CA GLU B 131 16.55 4.22 -4.38
C GLU B 131 16.01 5.39 -5.19
N ARG B 132 14.75 5.32 -5.64
CA ARG B 132 14.15 6.45 -6.32
C ARG B 132 13.76 7.55 -5.34
N SER B 133 13.25 7.16 -4.17
CA SER B 133 12.90 8.14 -3.15
C SER B 133 14.10 8.91 -2.63
N GLU B 134 15.32 8.46 -2.94
CA GLU B 134 16.52 9.22 -2.54
C GLU B 134 16.72 10.44 -3.43
N VAL B 135 16.26 10.38 -4.67
CA VAL B 135 16.49 11.46 -5.63
C VAL B 135 15.21 12.23 -5.97
N VAL B 136 14.03 11.65 -5.74
CA VAL B 136 12.76 12.34 -5.97
C VAL B 136 11.86 12.13 -4.77
N ASP B 137 10.82 12.95 -4.70
CA ASP B 137 9.76 12.80 -3.71
C ASP B 137 8.59 12.06 -4.35
N PHE B 138 7.99 11.15 -3.58
CA PHE B 138 6.85 10.37 -4.05
C PHE B 138 5.63 10.73 -3.23
N SER B 139 4.49 10.86 -3.91
CA SER B 139 3.23 11.02 -3.23
C SER B 139 2.87 9.71 -2.52
N VAL B 140 1.72 9.71 -1.85
CA VAL B 140 1.20 8.47 -1.28
C VAL B 140 0.92 7.52 -2.44
N PRO B 141 1.07 6.22 -2.27
CA PRO B 141 0.70 5.29 -3.36
C PRO B 141 -0.79 5.37 -3.62
N PHE B 142 -1.16 5.31 -4.90
CA PHE B 142 -2.57 5.32 -5.28
C PHE B 142 -2.98 4.15 -6.15
N VAL B 143 -2.04 3.31 -6.59
CA VAL B 143 -2.33 2.02 -7.21
C VAL B 143 -1.42 0.98 -6.58
N GLU B 144 -2.02 0.01 -5.90
CA GLU B 144 -1.23 -1.03 -5.24
C GLU B 144 -0.51 -1.89 -6.27
N THR B 145 0.79 -2.09 -6.07
CA THR B 145 1.59 -2.86 -7.01
C THR B 145 2.78 -3.45 -6.28
N GLY B 146 3.64 -4.13 -7.06
CA GLY B 146 4.82 -4.80 -6.55
C GLY B 146 5.35 -5.76 -7.57
N ILE B 147 5.75 -6.96 -7.14
CA ILE B 147 6.30 -7.98 -8.02
C ILE B 147 5.38 -9.19 -7.99
N SER B 148 4.87 -9.58 -9.16
CA SER B 148 4.07 -10.79 -9.33
C SER B 148 4.70 -11.67 -10.39
N VAL B 149 4.21 -12.91 -10.48
CA VAL B 149 4.69 -13.88 -11.44
C VAL B 149 3.51 -14.40 -12.24
N MET B 150 3.52 -14.16 -13.55
CA MET B 150 2.48 -14.66 -14.44
C MET B 150 2.96 -15.96 -15.07
N VAL B 151 2.12 -16.99 -15.00
CA VAL B 151 2.41 -18.30 -15.55
C VAL B 151 1.16 -18.81 -16.25
N SER B 152 1.35 -19.83 -17.09
CA SER B 152 0.21 -20.54 -17.64
C SER B 152 -0.52 -21.27 -16.51
N ARG B 153 -1.84 -21.34 -16.61
CA ARG B 153 -2.64 -21.88 -15.52
C ARG B 153 -2.22 -23.31 -15.20
N GLY B 154 -1.99 -23.57 -13.91
CA GLY B 154 -1.60 -24.88 -13.43
C GLY B 154 -0.14 -25.02 -13.07
N THR B 155 0.70 -24.07 -13.45
CA THR B 155 2.12 -24.14 -13.14
C THR B 155 2.33 -24.14 -11.63
N GLN B 156 3.17 -25.06 -11.16
CA GLN B 156 3.45 -25.21 -9.73
C GLN B 156 4.64 -24.33 -9.37
N VAL B 157 4.35 -23.12 -8.89
CA VAL B 157 5.37 -22.17 -8.46
C VAL B 157 4.87 -21.54 -7.17
N THR B 158 5.56 -21.80 -6.05
CA THR B 158 5.12 -21.28 -4.77
C THR B 158 5.23 -19.75 -4.73
N GLY B 159 6.32 -19.21 -5.25
CA GLY B 159 6.49 -17.77 -5.23
C GLY B 159 7.82 -17.37 -5.83
N LEU B 160 8.23 -16.14 -5.52
CA LEU B 160 9.52 -15.65 -6.00
C LEU B 160 10.69 -16.45 -5.43
N SER B 161 10.52 -17.01 -4.23
CA SER B 161 11.55 -17.80 -3.58
C SER B 161 11.46 -19.27 -3.92
N ASP B 162 10.67 -19.66 -4.92
CA ASP B 162 10.62 -21.04 -5.34
C ASP B 162 11.99 -21.49 -5.84
N LYS B 163 12.34 -22.75 -5.53
CA LYS B 163 13.66 -23.25 -5.90
C LYS B 163 13.88 -23.27 -7.41
N LYS B 164 12.81 -23.32 -8.20
CA LYS B 164 12.96 -23.21 -9.64
C LYS B 164 13.47 -21.83 -10.03
N PHE B 165 13.18 -20.80 -9.23
CA PHE B 165 13.71 -19.46 -9.44
C PHE B 165 15.05 -19.25 -8.77
N GLN B 166 15.21 -19.74 -7.54
CA GLN B 166 16.42 -19.50 -6.77
C GLN B 166 17.59 -20.33 -7.29
N ARG B 167 17.38 -21.63 -7.48
CA ARG B 167 18.39 -22.55 -7.98
C ARG B 167 17.90 -23.16 -9.29
N PRO B 168 17.88 -22.38 -10.37
CA PRO B 168 17.21 -22.85 -11.60
C PRO B 168 17.91 -24.01 -12.28
N HIS B 169 19.20 -24.22 -12.06
CA HIS B 169 19.93 -25.30 -12.70
C HIS B 169 19.88 -26.60 -11.92
N ASP B 170 19.11 -26.64 -10.82
CA ASP B 170 18.80 -27.90 -10.15
C ASP B 170 17.72 -28.70 -10.88
N TYR B 171 17.30 -28.24 -12.07
CA TYR B 171 16.24 -28.87 -12.83
C TYR B 171 16.70 -29.05 -14.27
N SER B 172 16.40 -30.23 -14.83
CA SER B 172 16.73 -30.54 -16.21
C SER B 172 15.45 -30.93 -16.95
N PRO B 173 14.95 -30.09 -17.87
CA PRO B 173 15.48 -28.78 -18.29
C PRO B 173 15.21 -27.70 -17.24
N PRO B 174 16.03 -26.65 -17.19
CA PRO B 174 15.82 -25.59 -16.20
C PRO B 174 14.60 -24.75 -16.52
N PHE B 175 14.07 -24.12 -15.48
CA PHE B 175 12.93 -23.24 -15.64
C PHE B 175 13.31 -22.00 -16.44
N ARG B 176 12.46 -21.64 -17.40
CA ARG B 176 12.68 -20.47 -18.24
C ARG B 176 11.80 -19.33 -17.75
N PHE B 177 12.42 -18.25 -17.31
CA PHE B 177 11.69 -17.11 -16.79
C PHE B 177 12.50 -15.84 -17.00
N GLY B 178 11.80 -14.74 -17.25
CA GLY B 178 12.46 -13.47 -17.45
C GLY B 178 11.53 -12.32 -17.13
N THR B 179 12.06 -11.11 -17.27
CA THR B 179 11.33 -9.88 -17.02
C THR B 179 11.61 -8.89 -18.14
N VAL B 180 11.02 -7.71 -18.03
CA VAL B 180 11.37 -6.57 -18.88
C VAL B 180 12.42 -5.75 -18.13
N PRO B 181 13.67 -5.70 -18.60
CA PRO B 181 14.74 -5.14 -17.79
C PRO B 181 14.61 -3.63 -17.62
N ASN B 182 15.51 -3.09 -16.79
CA ASN B 182 15.72 -1.67 -16.53
C ASN B 182 14.61 -1.02 -15.70
N GLY B 183 13.64 -1.79 -15.23
CA GLY B 183 12.59 -1.28 -14.37
C GLY B 183 12.81 -1.62 -12.92
N SER B 184 11.81 -1.29 -12.09
CA SER B 184 11.92 -1.53 -10.66
C SER B 184 11.96 -3.02 -10.34
N THR B 185 11.37 -3.85 -11.20
CA THR B 185 11.34 -5.29 -10.94
C THR B 185 12.72 -5.90 -11.06
N GLU B 186 13.43 -5.62 -12.16
CA GLU B 186 14.78 -6.15 -12.32
C GLU B 186 15.71 -5.62 -11.24
N ARG B 187 15.55 -4.34 -10.87
CA ARG B 187 16.38 -3.76 -9.82
C ARG B 187 16.22 -4.53 -8.51
N ASN B 188 15.00 -4.89 -8.16
CA ASN B 188 14.76 -5.67 -6.94
C ASN B 188 15.38 -7.06 -7.05
N ILE B 189 15.25 -7.70 -8.22
CA ILE B 189 15.79 -9.04 -8.38
C ILE B 189 17.31 -9.01 -8.37
N ARG B 190 17.90 -7.95 -8.95
CA ARG B 190 19.35 -7.85 -9.00
C ARG B 190 19.95 -7.74 -7.59
N ASN B 191 19.25 -7.07 -6.67
CA ASN B 191 19.77 -6.91 -5.32
C ASN B 191 19.44 -8.09 -4.43
N ASN B 192 18.29 -8.73 -4.61
CA ASN B 192 17.85 -9.77 -3.69
C ASN B 192 18.33 -11.16 -4.09
N TYR B 193 18.30 -11.49 -5.39
CA TYR B 193 18.60 -12.83 -5.88
C TYR B 193 19.68 -12.74 -6.96
N PRO B 194 20.95 -12.68 -6.56
CA PRO B 194 22.02 -12.55 -7.58
C PRO B 194 22.07 -13.68 -8.58
N TYR B 195 22.07 -14.94 -8.12
CA TYR B 195 22.14 -16.06 -9.05
C TYR B 195 20.92 -16.10 -9.96
N MET B 196 19.74 -15.86 -9.40
CA MET B 196 18.53 -15.81 -10.21
C MET B 196 18.62 -14.70 -11.26
N HIS B 197 19.17 -13.55 -10.89
CA HIS B 197 19.21 -12.42 -11.82
C HIS B 197 20.15 -12.69 -13.00
N GLN B 198 21.35 -13.25 -12.73
CA GLN B 198 22.28 -13.49 -13.82
C GLN B 198 21.80 -14.60 -14.73
N TYR B 199 21.05 -15.57 -14.20
CA TYR B 199 20.45 -16.59 -15.06
C TYR B 199 19.30 -16.02 -15.87
N MET B 200 18.67 -14.96 -15.38
CA MET B 200 17.44 -14.45 -15.97
C MET B 200 17.67 -13.64 -17.23
N THR B 201 18.85 -13.03 -17.37
CA THR B 201 19.05 -11.99 -18.38
C THR B 201 18.89 -12.53 -19.80
N LYS B 202 19.22 -13.79 -20.04
CA LYS B 202 19.04 -14.34 -21.38
C LYS B 202 17.57 -14.50 -21.76
N PHE B 203 16.66 -14.32 -20.81
CA PHE B 203 15.22 -14.36 -21.08
C PHE B 203 14.59 -12.97 -20.99
N ASN B 204 15.39 -11.92 -21.11
CA ASN B 204 14.86 -10.57 -21.10
C ASN B 204 13.88 -10.37 -22.26
N GLN B 205 12.73 -9.76 -21.95
CA GLN B 205 11.71 -9.48 -22.94
C GLN B 205 11.69 -7.99 -23.24
N LYS B 206 11.56 -7.67 -24.54
CA LYS B 206 11.52 -6.27 -24.96
C LYS B 206 10.37 -5.51 -24.32
N GLY B 207 9.23 -6.18 -24.13
CA GLY B 207 8.08 -5.54 -23.52
C GLY B 207 7.08 -6.56 -23.06
N VAL B 208 5.98 -6.05 -22.50
CA VAL B 208 4.97 -6.93 -21.90
C VAL B 208 4.32 -7.82 -22.96
N GLU B 209 3.96 -7.22 -24.11
CA GLU B 209 3.30 -7.99 -25.16
C GLU B 209 4.20 -9.11 -25.67
N ASP B 210 5.49 -8.82 -25.84
CA ASP B 210 6.43 -9.87 -26.24
C ASP B 210 6.47 -10.99 -25.20
N ALA B 211 6.41 -10.63 -23.92
CA ALA B 211 6.42 -11.63 -22.86
C ALA B 211 5.17 -12.49 -22.88
N LEU B 212 4.01 -11.87 -23.11
CA LEU B 212 2.76 -12.62 -23.17
C LEU B 212 2.81 -13.65 -24.30
N VAL B 213 3.26 -13.23 -25.48
CA VAL B 213 3.38 -14.16 -26.61
C VAL B 213 4.40 -15.25 -26.29
N SER B 214 5.50 -14.88 -25.63
CA SER B 214 6.49 -15.87 -25.23
C SER B 214 5.88 -16.89 -24.28
N LEU B 215 4.96 -16.45 -23.41
CA LEU B 215 4.31 -17.37 -22.49
C LEU B 215 3.36 -18.31 -23.24
N LYS B 216 2.45 -17.75 -24.03
CA LYS B 216 1.42 -18.55 -24.67
C LYS B 216 2.00 -19.53 -25.69
N THR B 217 3.10 -19.17 -26.33
CA THR B 217 3.74 -20.03 -27.32
C THR B 217 4.74 -21.01 -26.72
N GLY B 218 4.88 -21.02 -25.39
CA GLY B 218 5.73 -21.99 -24.74
C GLY B 218 7.21 -21.68 -24.73
N LYS B 219 7.61 -20.50 -25.21
CA LYS B 219 9.01 -20.09 -25.15
C LYS B 219 9.43 -19.67 -23.76
N LEU B 220 8.49 -19.47 -22.84
CA LEU B 220 8.79 -18.95 -21.51
C LEU B 220 7.86 -19.61 -20.52
N ASP B 221 8.42 -20.05 -19.38
CA ASP B 221 7.60 -20.70 -18.36
C ASP B 221 6.99 -19.72 -17.37
N ALA B 222 7.66 -18.61 -17.09
CA ALA B 222 7.16 -17.63 -16.14
C ALA B 222 7.61 -16.24 -16.55
N PHE B 223 6.77 -15.25 -16.24
CA PHE B 223 7.06 -13.85 -16.53
C PHE B 223 6.89 -13.05 -15.24
N ILE B 224 7.98 -12.46 -14.78
CA ILE B 224 8.02 -11.71 -13.53
C ILE B 224 7.96 -10.22 -13.87
N TYR B 225 6.98 -9.52 -13.33
CA TYR B 225 6.76 -8.14 -13.74
C TYR B 225 5.91 -7.42 -12.70
N ASP B 226 5.73 -6.11 -12.93
CA ASP B 226 4.87 -5.25 -12.12
C ASP B 226 3.54 -5.92 -11.81
N ALA B 227 3.10 -5.78 -10.57
CA ALA B 227 1.92 -6.51 -10.10
C ALA B 227 0.64 -5.98 -10.77
N ALA B 228 0.47 -4.66 -10.79
CA ALA B 228 -0.77 -4.09 -11.30
C ALA B 228 -0.97 -4.39 -12.79
N VAL B 229 0.13 -4.36 -13.56
CA VAL B 229 0.02 -4.63 -14.99
C VAL B 229 -0.33 -6.09 -15.23
N LEU B 230 0.36 -7.01 -14.54
CA LEU B 230 0.06 -8.43 -14.70
C LEU B 230 -1.37 -8.73 -14.25
N ASN B 231 -1.83 -8.08 -13.19
CA ASN B 231 -3.21 -8.25 -12.75
C ASN B 231 -4.19 -7.87 -13.84
N TYR B 232 -3.91 -6.76 -14.55
CA TYR B 232 -4.79 -6.32 -15.62
C TYR B 232 -4.74 -7.27 -16.81
N LYS B 233 -3.54 -7.72 -17.19
CA LYS B 233 -3.41 -8.62 -18.33
C LYS B 233 -4.03 -9.98 -18.04
N ALA B 234 -3.97 -10.44 -16.80
CA ALA B 234 -4.57 -11.73 -16.46
C ALA B 234 -6.08 -11.69 -16.61
N GLY B 235 -6.72 -10.60 -16.18
CA GLY B 235 -8.16 -10.47 -16.30
C GLY B 235 -8.66 -10.31 -17.72
N ARG B 236 -7.78 -10.02 -18.67
CA ARG B 236 -8.17 -9.81 -20.06
C ARG B 236 -7.55 -10.85 -21.00
N ASP B 237 -6.95 -11.90 -20.47
CA ASP B 237 -6.34 -12.91 -21.31
C ASP B 237 -7.41 -13.74 -22.02
N GLU B 238 -7.23 -13.96 -23.31
CA GLU B 238 -8.17 -14.76 -24.09
C GLU B 238 -8.19 -16.19 -23.58
N GLY B 239 -9.37 -16.67 -23.18
CA GLY B 239 -9.51 -17.98 -22.59
C GLY B 239 -9.08 -18.08 -21.15
N CYS B 240 -8.52 -17.01 -20.57
CA CYS B 240 -8.09 -16.98 -19.17
C CYS B 240 -7.06 -18.07 -18.88
N LYS B 241 -6.08 -18.20 -19.77
CA LYS B 241 -5.04 -19.22 -19.62
C LYS B 241 -3.85 -18.74 -18.81
N LEU B 242 -3.54 -17.44 -18.84
CA LEU B 242 -2.43 -16.89 -18.09
C LEU B 242 -2.94 -16.33 -16.76
N VAL B 243 -2.26 -16.68 -15.68
CA VAL B 243 -2.67 -16.29 -14.34
C VAL B 243 -1.45 -15.87 -13.53
N THR B 244 -1.70 -15.05 -12.50
CA THR B 244 -0.68 -14.70 -11.52
C THR B 244 -0.74 -15.70 -10.36
N ILE B 245 0.43 -16.06 -9.85
CA ILE B 245 0.51 -17.09 -8.83
C ILE B 245 0.04 -16.54 -7.49
N GLY B 246 -0.30 -17.46 -6.58
CA GLY B 246 -0.81 -17.07 -5.29
C GLY B 246 -2.14 -16.36 -5.31
N SER B 247 -2.93 -16.57 -6.36
CA SER B 247 -4.18 -15.84 -6.58
C SER B 247 -3.94 -14.33 -6.51
N GLY B 248 -2.96 -13.87 -7.28
CA GLY B 248 -2.60 -12.47 -7.29
C GLY B 248 -1.74 -12.06 -6.11
N TYR B 249 -0.67 -12.80 -5.86
CA TYR B 249 0.24 -12.46 -4.78
C TYR B 249 1.25 -11.42 -5.24
N ILE B 250 1.72 -10.61 -4.29
CA ILE B 250 2.60 -9.49 -4.57
C ILE B 250 3.76 -9.54 -3.59
N PHE B 251 4.98 -9.67 -4.10
CA PHE B 251 6.18 -9.53 -3.29
C PHE B 251 6.64 -8.08 -3.30
N ALA B 252 7.19 -7.63 -2.17
CA ALA B 252 7.66 -6.26 -2.00
C ALA B 252 6.56 -5.27 -2.32
N THR B 253 5.50 -5.32 -1.50
CA THR B 253 4.32 -4.49 -1.73
C THR B 253 4.67 -3.01 -1.70
N THR B 254 4.25 -2.30 -2.75
CA THR B 254 4.42 -0.86 -2.84
C THR B 254 3.28 -0.29 -3.67
N GLY B 255 3.51 0.84 -4.34
CA GLY B 255 2.47 1.38 -5.19
C GLY B 255 3.02 2.34 -6.22
N TYR B 256 2.18 2.62 -7.21
CA TYR B 256 2.44 3.74 -8.12
C TYR B 256 2.34 5.04 -7.34
N GLY B 257 3.21 5.98 -7.66
CA GLY B 257 3.23 7.26 -6.97
C GLY B 257 3.59 8.39 -7.90
N ILE B 258 3.02 9.56 -7.63
CA ILE B 258 3.41 10.77 -8.33
C ILE B 258 4.83 11.12 -7.88
N ALA B 259 5.75 11.18 -8.84
CA ALA B 259 7.11 11.63 -8.56
C ALA B 259 7.16 13.14 -8.61
N LEU B 260 7.87 13.74 -7.65
CA LEU B 260 8.07 15.18 -7.62
C LEU B 260 9.50 15.47 -7.22
N GLN B 261 9.94 16.69 -7.50
CA GLN B 261 11.26 17.12 -7.07
C GLN B 261 11.35 17.15 -5.55
N LYS B 262 12.54 16.89 -5.02
CA LYS B 262 12.72 16.86 -3.58
C LYS B 262 12.46 18.23 -2.98
N GLY B 263 11.54 18.27 -2.03
CA GLY B 263 11.11 19.54 -1.46
C GLY B 263 10.04 20.25 -2.25
N SER B 264 9.34 19.53 -3.13
CA SER B 264 8.35 20.16 -4.00
C SER B 264 7.23 20.76 -3.15
N PRO B 265 6.83 22.01 -3.41
CA PRO B 265 5.68 22.58 -2.68
C PRO B 265 4.35 21.99 -3.09
N TRP B 266 4.30 21.17 -4.14
CA TRP B 266 3.06 20.55 -4.58
C TRP B 266 2.74 19.25 -3.86
N LYS B 267 3.70 18.66 -3.14
CA LYS B 267 3.51 17.31 -2.62
C LYS B 267 2.36 17.24 -1.63
N ARG B 268 2.33 18.18 -0.67
CA ARG B 268 1.32 18.12 0.39
C ARG B 268 -0.09 18.18 -0.20
N GLN B 269 -0.31 19.11 -1.13
CA GLN B 269 -1.64 19.22 -1.75
C GLN B 269 -1.96 17.99 -2.60
N ILE B 270 -0.96 17.39 -3.25
CA ILE B 270 -1.20 16.18 -4.03
C ILE B 270 -1.60 15.03 -3.11
N ASP B 271 -0.90 14.90 -1.97
CA ASP B 271 -1.21 13.84 -1.02
C ASP B 271 -2.63 13.97 -0.48
N LEU B 272 -2.98 15.18 -0.01
CA LEU B 272 -4.30 15.39 0.55
C LEU B 272 -5.40 15.13 -0.49
N ALA B 273 -5.15 15.50 -1.74
CA ALA B 273 -6.13 15.25 -2.79
C ALA B 273 -6.30 13.75 -3.04
N LEU B 274 -5.18 13.02 -3.14
CA LEU B 274 -5.26 11.58 -3.38
C LEU B 274 -5.98 10.87 -2.23
N LEU B 275 -5.62 11.20 -0.98
CA LEU B 275 -6.31 10.61 0.16
C LEU B 275 -7.77 11.02 0.21
N GLN B 276 -8.09 12.23 -0.26
CA GLN B 276 -9.49 12.65 -0.32
C GLN B 276 -10.24 11.90 -1.42
N PHE B 277 -9.55 11.61 -2.53
CA PHE B 277 -10.18 10.84 -3.61
C PHE B 277 -10.61 9.47 -3.11
N VAL B 278 -9.68 8.71 -2.54
CA VAL B 278 -10.00 7.37 -2.07
C VAL B 278 -10.95 7.42 -0.89
N GLY B 279 -10.85 8.45 -0.04
CA GLY B 279 -11.69 8.55 1.13
C GLY B 279 -13.16 8.75 0.82
N ASP B 280 -13.49 9.28 -0.36
CA ASP B 280 -14.86 9.53 -0.75
C ASP B 280 -15.35 8.56 -1.82
N GLY B 281 -14.67 7.43 -1.99
CA GLY B 281 -15.09 6.41 -2.93
C GLY B 281 -14.91 6.75 -4.40
N GLU B 282 -14.16 7.80 -4.72
CA GLU B 282 -14.00 8.20 -6.11
C GLU B 282 -13.09 7.25 -6.90
N MET B 283 -12.34 6.40 -6.22
CA MET B 283 -11.45 5.47 -6.92
C MET B 283 -12.23 4.35 -7.60
N GLU B 284 -13.37 3.95 -7.03
CA GLU B 284 -14.11 2.81 -7.55
C GLU B 284 -14.52 3.03 -9.00
N GLU B 285 -14.93 4.26 -9.34
CA GLU B 285 -15.33 4.54 -10.72
C GLU B 285 -14.15 4.46 -11.66
N LEU B 286 -12.99 4.97 -11.25
CA LEU B 286 -11.79 4.84 -12.09
C LEU B 286 -11.36 3.39 -12.21
N GLU B 287 -11.62 2.58 -11.17
CA GLU B 287 -11.29 1.17 -11.23
C GLU B 287 -12.18 0.44 -12.22
N THR B 288 -13.49 0.67 -12.15
CA THR B 288 -14.40 0.02 -13.10
C THR B 288 -14.24 0.59 -14.51
N LEU B 289 -13.66 1.78 -14.65
CA LEU B 289 -13.50 2.38 -15.96
C LEU B 289 -12.30 1.83 -16.72
N TRP B 290 -11.25 1.39 -16.02
CA TRP B 290 -10.00 1.06 -16.68
C TRP B 290 -9.45 -0.31 -16.33
N LEU B 291 -9.77 -0.82 -15.14
CA LEU B 291 -9.04 -1.95 -14.57
C LEU B 291 -9.81 -3.25 -14.55
N THR B 292 -11.09 -3.27 -14.96
CA THR B 292 -11.87 -4.49 -14.89
C THR B 292 -11.35 -5.54 -15.88
N GLY B 293 -11.58 -6.79 -15.55
CA GLY B 293 -11.23 -7.90 -16.42
C GLY B 293 -12.24 -9.01 -16.29
N ILE B 294 -12.47 -9.68 -17.42
CA ILE B 294 -13.48 -10.74 -17.45
C ILE B 294 -12.99 -11.95 -16.65
N CYS B 295 -11.72 -12.30 -16.78
CA CYS B 295 -11.15 -13.40 -16.02
C CYS B 295 -11.06 -13.04 -14.54
#